data_5NMB
#
_entry.id   5NMB
#
_cell.length_a   65.893
_cell.length_b   65.893
_cell.length_c   262.598
_cell.angle_alpha   90.00
_cell.angle_beta   90.00
_cell.angle_gamma   120.00
#
_symmetry.space_group_name_H-M   'P 65 2 2'
#
loop_
_entity.id
_entity.type
_entity.pdbx_description
1 polymer 'Vitamin D3 receptor A'
2 polymer 'Nuclear receptor coactivator 1'
3 non-polymer (1~{R},3~{S},5~{Z})-5-[(2~{E})-2-[(1~{R},3~{a}~{S},7~{a}~{R})-7~{a}-methyl-1-[(1~{S})-1-[(2~{S},5~{R})-5-(2-oxidanylpropan-2-yl)oxolan-2-yl]ethyl]-2,3,3~{a},5,6,7-hexahydro-1~{H}-inden-4-ylidene]ethylidene]-4-methylidene-cyclohexane-1,3-diol
4 water water
#
loop_
_entity_poly.entity_id
_entity_poly.type
_entity_poly.pdbx_seq_one_letter_code
_entity_poly.pdbx_strand_id
1 'polypeptide(L)'
;GSHMLSDEQMQIINSLVEAHHKTYDDSYSDFVRFRPPVREGPVTRSASRAASLHSLSDASSDSFNHSPESVDTKLNFSNL
LMMYQDSGSPDSSEEDQQSRLSMLPHLADLVSYSIQKVIGFAKMIPGFRDLTAEDQIALLKSSAIEIIMLRSNQSFSLED
MSWSCGGPDFKYCINDVTKAGHTLELLEPLVKFQVGLKKLKLHEEEHVLLMAICLLSPDRPGVQDHVRIEALQDRLCDVL
QAYIRIQHPGGRLLYAKMIQKLADLRSLNEEHSKQYRSLSFQPEHSMQLTPLVLEVFGSEVS
;
A2
2 'polypeptide(L)' RHKILHRLLQEGSPS B2
#
loop_
_chem_comp.id
_chem_comp.type
_chem_comp.name
_chem_comp.formula
9CZ non-polymer (1~{R},3~{S},5~{Z})-5-[(2~{E})-2-[(1~{R},3~{a}~{S},7~{a}~{R})-7~{a}-methyl-1-[(1~{S})-1-[(2~{S},5~{R})-5-(2-oxidanylpropan-2-yl)oxolan-2-yl]ethyl]-2,3,3~{a},5,6,7-hexahydro-1~{H}-inden-4-ylidene]ethylidene]-4-methylidene-cyclohexane-1,3-diol 'C28 H44 O4'
#
# COMPACT_ATOMS: atom_id res chain seq x y z
N HIS A 3 -12.74 -28.20 -5.48
CA HIS A 3 -11.51 -28.88 -5.84
C HIS A 3 -10.33 -28.30 -5.05
N MET A 4 -9.14 -28.23 -5.66
CA MET A 4 -7.93 -27.77 -4.98
C MET A 4 -7.15 -26.80 -5.87
N LEU A 5 -6.11 -26.21 -5.29
CA LEU A 5 -5.26 -25.24 -5.98
C LEU A 5 -4.14 -25.95 -6.74
N SER A 6 -3.85 -25.46 -7.94
CA SER A 6 -2.75 -25.99 -8.74
C SER A 6 -1.41 -25.71 -8.07
N ASP A 7 -0.38 -26.42 -8.54
CA ASP A 7 0.97 -26.12 -8.09
C ASP A 7 1.35 -24.69 -8.40
N GLU A 8 0.96 -24.19 -9.57
CA GLU A 8 1.32 -22.84 -9.96
C GLU A 8 0.77 -21.81 -8.99
N GLN A 9 -0.45 -22.04 -8.49
CA GLN A 9 -1.04 -21.08 -7.57
C GLN A 9 -0.40 -21.15 -6.20
N MET A 10 0.01 -22.35 -5.76
CA MET A 10 0.76 -22.46 -4.52
C MET A 10 2.08 -21.70 -4.61
N GLN A 11 2.77 -21.82 -5.75
CA GLN A 11 4.02 -21.10 -5.92
C GLN A 11 3.80 -19.59 -5.84
N ILE A 12 2.78 -19.09 -6.53
CA ILE A 12 2.47 -17.65 -6.49
C ILE A 12 2.21 -17.21 -5.06
N ILE A 13 1.41 -17.99 -4.32
CA ILE A 13 1.11 -17.65 -2.94
C ILE A 13 2.40 -17.59 -2.11
N ASN A 14 3.27 -18.59 -2.28
CA ASN A 14 4.50 -18.63 -1.49
C ASN A 14 5.43 -17.48 -1.87
N SER A 15 5.51 -17.17 -3.16
CA SER A 15 6.28 -16.01 -3.58
C SER A 15 5.75 -14.74 -2.94
N LEU A 16 4.43 -14.60 -2.88
CA LEU A 16 3.86 -13.35 -2.39
C LEU A 16 4.09 -13.17 -0.90
N VAL A 17 3.88 -14.23 -0.09
CA VAL A 17 4.02 -14.04 1.36
C VAL A 17 5.49 -13.95 1.75
N GLU A 18 6.37 -14.65 1.04
CA GLU A 18 7.79 -14.44 1.29
C GLU A 18 8.17 -13.00 0.97
N ALA A 19 7.61 -12.46 -0.11
CA ALA A 19 7.90 -11.08 -0.46
C ALA A 19 7.37 -10.13 0.60
N HIS A 20 6.19 -10.41 1.15
CA HIS A 20 5.69 -9.56 2.22
C HIS A 20 6.53 -9.68 3.48
N HIS A 21 6.97 -10.90 3.80
CA HIS A 21 7.77 -11.10 5.01
C HIS A 21 9.10 -10.38 4.91
N LYS A 22 9.70 -10.36 3.71
CA LYS A 22 10.99 -9.71 3.53
C LYS A 22 10.87 -8.18 3.58
N THR A 23 9.72 -7.64 3.18
CA THR A 23 9.56 -6.20 3.06
C THR A 23 8.70 -5.60 4.18
N TYR A 24 8.37 -6.35 5.22
CA TYR A 24 7.59 -5.82 6.34
C TYR A 24 8.16 -6.35 7.64
N ASP A 25 8.50 -5.43 8.53
CA ASP A 25 9.23 -5.72 9.77
C ASP A 25 8.25 -5.54 10.92
N ASP A 26 7.79 -6.66 11.48
CA ASP A 26 6.91 -6.62 12.64
C ASP A 26 7.57 -6.01 13.87
N SER A 27 8.89 -5.81 13.86
CA SER A 27 9.54 -5.16 15.00
C SER A 27 9.44 -3.65 14.92
N TYR A 28 9.20 -3.11 13.73
CA TYR A 28 9.08 -1.67 13.53
C TYR A 28 10.32 -0.94 14.07
N SER A 29 11.46 -1.63 14.05
CA SER A 29 12.64 -1.12 14.74
C SER A 29 13.40 -0.09 13.89
N ASP A 30 13.17 -0.07 12.59
CA ASP A 30 13.72 0.99 11.77
C ASP A 30 13.08 2.34 12.05
N PHE A 31 11.94 2.38 12.77
CA PHE A 31 11.25 3.64 12.99
C PHE A 31 12.06 4.62 13.83
N VAL A 32 13.01 4.14 14.64
CA VAL A 32 13.84 5.06 15.40
C VAL A 32 14.69 5.92 14.49
N ARG A 33 14.84 5.53 13.23
CA ARG A 33 15.70 6.31 12.35
C ARG A 33 14.94 7.35 11.57
N PHE A 34 13.62 7.41 11.71
CA PHE A 34 12.89 8.55 11.16
C PHE A 34 13.11 9.77 12.02
N ARG A 35 12.81 10.93 11.46
CA ARG A 35 12.72 12.11 12.30
C ARG A 35 11.62 11.88 13.33
N PRO A 36 11.88 12.23 14.60
CA PRO A 36 10.97 11.79 15.65
C PRO A 36 9.64 12.49 15.56
N PRO A 37 8.57 11.87 16.04
CA PRO A 37 7.26 12.54 16.07
C PRO A 37 7.22 13.60 17.14
N VAL A 38 6.47 14.68 16.88
CA VAL A 38 6.26 15.72 17.86
C VAL A 38 4.77 16.03 17.95
N ARG A 39 4.25 16.13 19.16
CA ARG A 39 2.86 16.51 19.42
C ARG A 39 2.79 17.84 20.16
N LEU A 101 2.17 21.88 11.76
CA LEU A 101 2.30 20.59 11.08
C LEU A 101 3.43 19.78 11.69
N SER A 102 3.28 19.53 12.98
CA SER A 102 4.36 18.98 13.79
C SER A 102 4.68 17.53 13.41
N MET A 103 3.70 16.77 12.93
CA MET A 103 3.91 15.37 12.60
C MET A 103 4.34 15.15 11.15
N LEU A 104 4.34 16.19 10.33
CA LEU A 104 4.75 16.01 8.93
C LEU A 104 6.14 15.38 8.79
N PRO A 105 7.19 15.82 9.49
CA PRO A 105 8.50 15.21 9.23
C PRO A 105 8.52 13.72 9.54
N HIS A 106 8.00 13.31 10.70
CA HIS A 106 7.99 11.89 11.03
C HIS A 106 7.14 11.08 10.06
N LEU A 107 5.97 11.62 9.68
CA LEU A 107 5.08 10.81 8.85
C LEU A 107 5.56 10.78 7.40
N ALA A 108 6.19 11.85 6.95
CA ALA A 108 6.83 11.82 5.64
C ALA A 108 7.91 10.75 5.60
N ASP A 109 8.77 10.72 6.63
CA ASP A 109 9.75 9.65 6.70
C ASP A 109 9.09 8.28 6.71
N LEU A 110 7.99 8.12 7.46
CA LEU A 110 7.32 6.83 7.52
C LEU A 110 6.82 6.40 6.14
N VAL A 111 6.19 7.31 5.41
CA VAL A 111 5.68 6.99 4.09
C VAL A 111 6.82 6.72 3.12
N SER A 112 7.86 7.54 3.17
CA SER A 112 8.99 7.36 2.26
C SER A 112 9.60 5.98 2.46
N TYR A 113 9.83 5.62 3.73
CA TYR A 113 10.30 4.27 4.04
C TYR A 113 9.32 3.23 3.52
N SER A 114 8.02 3.45 3.72
CA SER A 114 7.03 2.47 3.24
C SER A 114 7.07 2.35 1.73
N ILE A 115 7.35 3.44 1.02
CA ILE A 115 7.41 3.35 -0.44
C ILE A 115 8.54 2.43 -0.87
N GLN A 116 9.69 2.53 -0.21
CA GLN A 116 10.80 1.62 -0.52
C GLN A 116 10.37 0.17 -0.31
N LYS A 117 9.69 -0.11 0.80
CA LYS A 117 9.23 -1.46 1.04
C LYS A 117 8.30 -1.93 -0.08
N VAL A 118 7.30 -1.11 -0.42
CA VAL A 118 6.33 -1.47 -1.45
C VAL A 118 7.03 -1.76 -2.78
N ILE A 119 8.08 -1.00 -3.10
CA ILE A 119 8.86 -1.25 -4.32
C ILE A 119 9.50 -2.63 -4.25
N GLY A 120 10.09 -2.99 -3.11
CA GLY A 120 10.68 -4.30 -2.96
C GLY A 120 9.65 -5.42 -2.98
N PHE A 121 8.48 -5.19 -2.39
CA PHE A 121 7.42 -6.18 -2.47
C PHE A 121 7.00 -6.32 -3.91
N ALA A 122 6.77 -5.19 -4.56
CA ALA A 122 6.45 -5.32 -5.96
C ALA A 122 7.43 -6.21 -6.65
N LYS A 123 8.69 -6.21 -6.15
CA LYS A 123 9.85 -6.76 -6.87
C LYS A 123 9.96 -8.29 -6.82
N MET A 124 9.16 -8.91 -5.97
CA MET A 124 9.00 -10.29 -5.92
C MET A 124 7.64 -10.70 -6.44
N ILE A 125 6.86 -9.77 -6.99
CA ILE A 125 5.61 -10.25 -7.59
C ILE A 125 5.93 -10.94 -8.91
N PRO A 126 5.57 -12.24 -9.06
CA PRO A 126 5.93 -12.95 -10.30
C PRO A 126 5.33 -12.29 -11.53
N GLY A 127 6.21 -11.77 -12.40
CA GLY A 127 5.83 -11.14 -13.63
C GLY A 127 5.91 -9.63 -13.59
N PHE A 128 5.85 -9.02 -12.41
CA PHE A 128 5.94 -7.56 -12.35
C PHE A 128 7.23 -7.08 -12.99
N ARG A 129 8.34 -7.77 -12.74
CA ARG A 129 9.63 -7.32 -13.27
C ARG A 129 9.69 -7.44 -14.77
N ASP A 130 9.07 -8.47 -15.30
CA ASP A 130 9.10 -8.62 -16.74
C ASP A 130 8.33 -7.53 -17.45
N LEU A 131 7.66 -6.62 -16.74
CA LEU A 131 7.04 -5.49 -17.42
C LEU A 131 8.06 -4.39 -17.69
N THR A 132 7.75 -3.55 -18.67
CA THR A 132 8.63 -2.44 -18.99
C THR A 132 8.80 -1.54 -17.78
N ALA A 133 9.98 -0.92 -17.68
CA ALA A 133 10.25 -0.08 -16.52
C ALA A 133 9.29 1.08 -16.41
N GLU A 134 8.76 1.54 -17.55
CA GLU A 134 7.76 2.60 -17.52
C GLU A 134 6.45 2.11 -16.92
N ASP A 135 6.00 0.91 -17.32
CA ASP A 135 4.80 0.33 -16.72
C ASP A 135 4.98 0.14 -15.23
N GLN A 136 6.16 -0.32 -14.80
CA GLN A 136 6.40 -0.49 -13.37
C GLN A 136 6.28 0.83 -12.63
N ILE A 137 6.81 1.91 -13.22
CA ILE A 137 6.75 3.21 -12.56
C ILE A 137 5.31 3.71 -12.51
N ALA A 138 4.60 3.60 -13.65
CA ALA A 138 3.18 3.94 -13.68
C ALA A 138 2.41 3.22 -12.59
N LEU A 139 2.56 1.88 -12.52
CA LEU A 139 1.83 1.09 -11.53
C LEU A 139 2.17 1.51 -10.11
N LEU A 140 3.45 1.77 -9.84
CA LEU A 140 3.83 2.12 -8.48
C LEU A 140 3.37 3.52 -8.11
N LYS A 141 3.49 4.48 -9.04
CA LYS A 141 3.14 5.87 -8.70
C LYS A 141 1.67 6.02 -8.35
N SER A 142 0.78 5.38 -9.10
CA SER A 142 -0.63 5.54 -8.79
C SER A 142 -1.12 4.58 -7.72
N SER A 143 -0.45 3.45 -7.49
CA SER A 143 -0.93 2.52 -6.48
C SER A 143 -0.21 2.62 -5.15
N ALA A 144 0.85 3.41 -5.05
CA ALA A 144 1.69 3.43 -3.85
C ALA A 144 0.87 3.69 -2.60
N ILE A 145 0.07 4.77 -2.61
CA ILE A 145 -0.58 5.15 -1.37
C ILE A 145 -1.63 4.12 -0.98
N GLU A 146 -2.17 3.41 -1.98
CA GLU A 146 -3.15 2.38 -1.70
C GLU A 146 -2.50 1.16 -1.06
N ILE A 147 -1.34 0.74 -1.58
CA ILE A 147 -0.63 -0.38 -0.97
C ILE A 147 -0.24 -0.03 0.45
N ILE A 148 0.15 1.23 0.66
CA ILE A 148 0.56 1.67 2.00
C ILE A 148 -0.63 1.65 2.95
N MET A 149 -1.76 2.22 2.51
CA MET A 149 -3.00 2.10 3.28
C MET A 149 -3.34 0.64 3.57
N LEU A 150 -3.12 -0.24 2.59
CA LEU A 150 -3.47 -1.65 2.79
C LEU A 150 -2.54 -2.30 3.78
N ARG A 151 -1.23 -2.09 3.60
CA ARG A 151 -0.29 -2.85 4.41
C ARG A 151 -0.32 -2.37 5.85
N SER A 152 -0.66 -1.09 6.05
CA SER A 152 -0.76 -0.51 7.38
C SER A 152 -1.82 -1.19 8.22
N ASN A 153 -2.76 -1.93 7.61
CA ASN A 153 -3.76 -2.59 8.44
C ASN A 153 -3.12 -3.59 9.42
N GLN A 154 -1.92 -4.07 9.12
CA GLN A 154 -1.23 -5.01 9.99
C GLN A 154 -0.83 -4.37 11.32
N SER A 155 -0.65 -3.05 11.37
CA SER A 155 -0.39 -2.37 12.63
C SER A 155 -1.62 -1.74 13.23
N PHE A 156 -2.68 -1.57 12.44
CA PHE A 156 -3.92 -1.00 12.96
C PHE A 156 -4.51 -1.93 14.00
N SER A 157 -5.11 -1.36 15.03
CA SER A 157 -5.73 -2.17 16.06
C SER A 157 -7.07 -1.56 16.40
N LEU A 158 -8.11 -2.41 16.43
CA LEU A 158 -9.45 -1.95 16.71
C LEU A 158 -9.61 -1.56 18.16
N GLU A 159 -8.74 -2.08 19.04
CA GLU A 159 -8.84 -1.81 20.47
C GLU A 159 -8.47 -0.37 20.80
N ASP A 160 -7.56 0.22 20.02
CA ASP A 160 -7.12 1.59 20.23
C ASP A 160 -7.52 2.51 19.08
N MET A 161 -8.05 1.96 17.98
CA MET A 161 -8.46 2.73 16.81
C MET A 161 -7.31 3.52 16.21
N SER A 162 -6.13 2.91 16.19
CA SER A 162 -4.97 3.57 15.63
C SER A 162 -3.96 2.52 15.19
N TRP A 163 -2.82 3.00 14.72
CA TRP A 163 -1.73 2.15 14.27
C TRP A 163 -0.68 2.08 15.37
N SER A 164 -0.44 0.88 15.91
CA SER A 164 0.52 0.69 17.01
C SER A 164 1.75 -0.01 16.46
N CYS A 165 2.83 0.75 16.27
CA CYS A 165 4.07 0.23 15.72
C CYS A 165 5.17 0.05 16.75
N GLY A 166 5.41 1.04 17.58
CA GLY A 166 6.42 0.91 18.61
C GLY A 166 5.81 0.96 20.00
N GLY A 167 6.29 1.88 20.82
CA GLY A 167 5.60 2.21 22.03
C GLY A 167 4.64 3.34 21.77
N PRO A 168 4.46 4.22 22.75
CA PRO A 168 3.51 5.34 22.58
C PRO A 168 3.98 6.36 21.56
N ASP A 169 5.29 6.50 21.34
CA ASP A 169 5.77 7.44 20.34
C ASP A 169 5.33 7.05 18.94
N PHE A 170 5.35 5.75 18.64
CA PHE A 170 5.02 5.22 17.32
C PHE A 170 3.60 4.70 17.24
N LYS A 171 2.70 5.23 18.06
CA LYS A 171 1.28 5.00 17.88
C LYS A 171 0.66 6.26 17.30
N TYR A 172 -0.03 6.11 16.18
CA TYR A 172 -0.59 7.21 15.41
C TYR A 172 -2.11 7.17 15.50
N CYS A 173 -2.69 8.09 16.25
CA CYS A 173 -4.14 8.20 16.23
C CYS A 173 -4.53 9.29 15.24
N ILE A 174 -5.83 9.61 15.18
CA ILE A 174 -6.33 10.52 14.15
C ILE A 174 -5.76 11.91 14.36
N ASN A 175 -5.62 12.33 15.61
CA ASN A 175 -5.12 13.67 15.86
C ASN A 175 -3.68 13.83 15.39
N ASP A 176 -2.88 12.76 15.48
CA ASP A 176 -1.50 12.80 15.00
C ASP A 176 -1.45 13.13 13.51
N VAL A 177 -2.23 12.40 12.71
CA VAL A 177 -2.23 12.64 11.27
C VAL A 177 -2.80 14.02 10.95
N THR A 178 -3.75 14.51 11.74
CA THR A 178 -4.22 15.88 11.56
C THR A 178 -3.06 16.86 11.52
N LYS A 179 -2.08 16.71 12.41
CA LYS A 179 -0.94 17.60 12.49
C LYS A 179 0.14 17.26 11.49
N ALA A 180 -0.24 16.58 10.42
CA ALA A 180 0.62 16.37 9.27
C ALA A 180 -0.02 16.91 7.99
N GLY A 181 -1.04 17.75 8.13
CA GLY A 181 -1.63 18.42 7.00
C GLY A 181 -2.80 17.71 6.34
N HIS A 182 -3.56 16.92 7.10
CA HIS A 182 -4.68 16.17 6.53
C HIS A 182 -5.93 16.36 7.38
N THR A 183 -7.08 16.39 6.72
CA THR A 183 -8.35 16.69 7.35
C THR A 183 -9.14 15.41 7.61
N LEU A 184 -10.22 15.57 8.36
CA LEU A 184 -11.10 14.44 8.61
C LEU A 184 -11.75 13.92 7.34
N GLU A 185 -11.77 14.73 6.27
CA GLU A 185 -12.34 14.23 5.03
C GLU A 185 -11.56 13.02 4.52
N LEU A 186 -10.25 13.01 4.75
CA LEU A 186 -9.50 11.79 4.45
C LEU A 186 -9.48 10.84 5.65
N LEU A 187 -9.23 11.37 6.85
CA LEU A 187 -9.03 10.50 8.01
C LEU A 187 -10.26 9.67 8.34
N GLU A 188 -11.46 10.25 8.25
CA GLU A 188 -12.68 9.51 8.57
C GLU A 188 -12.84 8.27 7.68
N PRO A 189 -12.90 8.37 6.35
CA PRO A 189 -12.99 7.15 5.54
C PRO A 189 -11.79 6.25 5.71
N LEU A 190 -10.61 6.81 6.01
CA LEU A 190 -9.42 5.97 6.13
C LEU A 190 -9.53 5.06 7.35
N VAL A 191 -9.94 5.61 8.49
CA VAL A 191 -10.04 4.80 9.69
C VAL A 191 -11.20 3.83 9.57
N LYS A 192 -12.32 4.28 8.98
CA LYS A 192 -13.41 3.33 8.72
C LYS A 192 -12.98 2.24 7.75
N PHE A 193 -12.09 2.56 6.80
CA PHE A 193 -11.55 1.54 5.92
C PHE A 193 -10.73 0.52 6.71
N GLN A 194 -9.80 1.00 7.54
CA GLN A 194 -9.00 0.10 8.37
C GLN A 194 -9.88 -0.75 9.28
N VAL A 195 -10.98 -0.17 9.78
CA VAL A 195 -11.85 -0.93 10.65
C VAL A 195 -12.55 -2.04 9.87
N GLY A 196 -13.17 -1.69 8.74
CA GLY A 196 -13.84 -2.71 7.94
C GLY A 196 -12.88 -3.78 7.48
N LEU A 197 -11.68 -3.39 7.06
CA LEU A 197 -10.73 -4.38 6.55
C LEU A 197 -10.19 -5.24 7.68
N LYS A 198 -10.04 -4.68 8.87
CA LYS A 198 -9.55 -5.53 9.94
C LYS A 198 -10.62 -6.51 10.39
N LYS A 199 -11.90 -6.13 10.31
CA LYS A 199 -12.93 -7.06 10.76
C LYS A 199 -13.13 -8.18 9.76
N LEU A 200 -12.69 -8.01 8.52
CA LEU A 200 -12.70 -9.13 7.58
C LEU A 200 -11.73 -10.24 7.95
N LYS A 201 -10.77 -9.98 8.83
CA LYS A 201 -9.91 -11.02 9.42
C LYS A 201 -9.23 -11.87 8.36
N LEU A 202 -8.63 -11.20 7.39
CA LEU A 202 -8.02 -11.89 6.26
C LEU A 202 -6.86 -12.78 6.70
N HIS A 203 -6.77 -13.95 6.07
CA HIS A 203 -5.55 -14.72 6.16
C HIS A 203 -4.39 -13.94 5.53
N GLU A 204 -3.19 -14.30 5.96
CA GLU A 204 -1.98 -13.66 5.43
C GLU A 204 -1.91 -13.78 3.91
N GLU A 205 -2.32 -14.94 3.39
CA GLU A 205 -2.31 -15.17 1.95
C GLU A 205 -3.28 -14.24 1.23
N GLU A 206 -4.44 -13.99 1.81
CA GLU A 206 -5.40 -13.09 1.17
C GLU A 206 -4.92 -11.66 1.25
N HIS A 207 -4.31 -11.29 2.37
CA HIS A 207 -3.79 -9.94 2.53
C HIS A 207 -2.73 -9.62 1.47
N VAL A 208 -1.75 -10.52 1.29
CA VAL A 208 -0.72 -10.22 0.28
C VAL A 208 -1.31 -10.33 -1.12
N LEU A 209 -2.21 -11.30 -1.34
CA LEU A 209 -2.86 -11.39 -2.66
C LEU A 209 -3.57 -10.10 -3.00
N LEU A 210 -4.31 -9.55 -2.04
CA LEU A 210 -5.01 -8.29 -2.27
C LEU A 210 -4.04 -7.16 -2.62
N MET A 211 -2.89 -7.09 -1.94
CA MET A 211 -1.92 -6.03 -2.26
C MET A 211 -1.36 -6.20 -3.66
N ALA A 212 -1.05 -7.43 -4.06
CA ALA A 212 -0.51 -7.64 -5.40
C ALA A 212 -1.55 -7.35 -6.46
N ILE A 213 -2.81 -7.70 -6.18
CA ILE A 213 -3.89 -7.39 -7.12
C ILE A 213 -4.07 -5.88 -7.25
N CYS A 214 -4.02 -5.16 -6.12
CA CYS A 214 -4.21 -3.72 -6.16
C CYS A 214 -3.12 -3.06 -6.98
N LEU A 215 -1.89 -3.52 -6.85
CA LEU A 215 -0.81 -2.87 -7.56
C LEU A 215 -0.84 -3.22 -9.04
N LEU A 216 -1.16 -4.46 -9.39
CA LEU A 216 -1.18 -4.78 -10.82
C LEU A 216 -2.51 -4.47 -11.47
N SER A 217 -3.14 -3.38 -11.09
CA SER A 217 -4.34 -2.91 -11.75
C SER A 217 -3.98 -2.22 -13.06
N PRO A 218 -4.57 -2.63 -14.18
CA PRO A 218 -4.31 -1.95 -15.45
C PRO A 218 -5.08 -0.66 -15.66
N ASP A 219 -6.08 -0.36 -14.82
CA ASP A 219 -6.81 0.90 -14.92
C ASP A 219 -6.11 1.97 -14.09
N ARG A 220 -4.82 2.16 -14.33
CA ARG A 220 -4.05 3.24 -13.78
C ARG A 220 -3.63 4.18 -14.90
N PRO A 221 -3.56 5.48 -14.64
CA PRO A 221 -3.02 6.39 -15.67
C PRO A 221 -1.56 6.09 -15.95
N GLY A 222 -1.22 6.11 -17.22
CA GLY A 222 0.15 5.94 -17.63
C GLY A 222 0.53 4.55 -18.11
N VAL A 223 -0.26 3.53 -17.77
CA VAL A 223 0.11 2.18 -18.17
C VAL A 223 -0.02 2.05 -19.68
N GLN A 224 0.92 1.33 -20.28
CA GLN A 224 0.98 1.13 -21.72
C GLN A 224 0.51 -0.25 -22.16
N ASP A 225 0.96 -1.32 -21.51
CA ASP A 225 0.58 -2.69 -21.87
C ASP A 225 -0.55 -3.13 -20.94
N HIS A 226 -1.76 -2.65 -21.24
CA HIS A 226 -2.94 -3.06 -20.47
C HIS A 226 -3.13 -4.57 -20.52
N VAL A 227 -3.13 -5.13 -21.75
CA VAL A 227 -3.32 -6.56 -21.96
C VAL A 227 -2.54 -7.36 -20.93
N ARG A 228 -1.26 -7.09 -20.82
CA ARG A 228 -0.39 -7.96 -20.04
C ARG A 228 -0.65 -7.79 -18.55
N ILE A 229 -0.77 -6.54 -18.11
CA ILE A 229 -1.00 -6.29 -16.68
C ILE A 229 -2.35 -6.85 -16.26
N GLU A 230 -3.39 -6.60 -17.05
CA GLU A 230 -4.68 -7.18 -16.73
C GLU A 230 -4.61 -8.69 -16.67
N ALA A 231 -3.72 -9.31 -17.48
CA ALA A 231 -3.59 -10.76 -17.47
C ALA A 231 -3.04 -11.26 -16.14
N LEU A 232 -1.93 -10.65 -15.69
CA LEU A 232 -1.37 -11.02 -14.39
C LEU A 232 -2.34 -10.71 -13.27
N GLN A 233 -3.06 -9.60 -13.39
CA GLN A 233 -4.05 -9.28 -12.37
C GLN A 233 -5.16 -10.33 -12.34
N ASP A 234 -5.56 -10.83 -13.51
CA ASP A 234 -6.61 -11.85 -13.57
C ASP A 234 -6.14 -13.16 -12.94
N ARG A 235 -4.91 -13.58 -13.24
CA ARG A 235 -4.42 -14.82 -12.65
C ARG A 235 -4.32 -14.71 -11.13
N LEU A 236 -3.95 -13.53 -10.61
CA LEU A 236 -3.90 -13.37 -9.17
C LEU A 236 -5.30 -13.37 -8.56
N CYS A 237 -6.28 -12.82 -9.27
CA CYS A 237 -7.65 -12.86 -8.77
C CYS A 237 -8.15 -14.29 -8.69
N ASP A 238 -7.79 -15.13 -9.66
CA ASP A 238 -8.29 -16.51 -9.65
C ASP A 238 -7.60 -17.34 -8.57
N VAL A 239 -6.33 -17.04 -8.28
CA VAL A 239 -5.66 -17.70 -7.15
C VAL A 239 -6.35 -17.32 -5.85
N LEU A 240 -6.63 -16.03 -5.70
CA LEU A 240 -7.30 -15.55 -4.50
C LEU A 240 -8.69 -16.16 -4.38
N GLN A 241 -9.48 -16.06 -5.44
CA GLN A 241 -10.83 -16.58 -5.41
C GLN A 241 -10.82 -18.07 -5.10
N ALA A 242 -9.80 -18.78 -5.55
CA ALA A 242 -9.74 -20.22 -5.30
C ALA A 242 -9.25 -20.50 -3.89
N TYR A 243 -8.24 -19.77 -3.42
CA TYR A 243 -7.76 -19.97 -2.06
C TYR A 243 -8.87 -19.72 -1.05
N ILE A 244 -9.69 -18.69 -1.27
CA ILE A 244 -10.80 -18.41 -0.36
C ILE A 244 -11.78 -19.58 -0.35
N ARG A 245 -12.20 -20.03 -1.53
CA ARG A 245 -13.25 -21.02 -1.53
C ARG A 245 -12.76 -22.38 -1.02
N ILE A 246 -11.46 -22.62 -1.02
CA ILE A 246 -10.91 -23.90 -0.58
C ILE A 246 -10.43 -23.84 0.87
N GLN A 247 -9.62 -22.85 1.21
CA GLN A 247 -8.99 -22.82 2.53
C GLN A 247 -9.58 -21.81 3.50
N HIS A 248 -10.62 -21.07 3.12
CA HIS A 248 -11.20 -20.10 4.04
C HIS A 248 -12.64 -20.45 4.41
N PRO A 249 -12.87 -21.04 5.57
CA PRO A 249 -14.24 -21.41 5.97
C PRO A 249 -15.14 -20.18 5.98
N GLY A 250 -16.34 -20.33 5.42
CA GLY A 250 -17.30 -19.25 5.39
C GLY A 250 -16.90 -18.03 4.59
N GLY A 251 -16.03 -18.18 3.61
CA GLY A 251 -15.54 -17.03 2.86
C GLY A 251 -16.38 -16.81 1.62
N ARG A 252 -17.58 -17.36 1.64
CA ARG A 252 -18.39 -17.46 0.43
C ARG A 252 -18.75 -16.09 -0.14
N LEU A 253 -18.69 -15.03 0.67
CA LEU A 253 -18.87 -13.67 0.17
C LEU A 253 -17.64 -12.82 0.39
N LEU A 254 -16.55 -13.42 0.87
CA LEU A 254 -15.39 -12.63 1.27
C LEU A 254 -14.75 -11.95 0.07
N TYR A 255 -14.63 -12.68 -1.04
CA TYR A 255 -13.87 -12.16 -2.17
C TYR A 255 -14.51 -10.90 -2.70
N ALA A 256 -15.83 -10.95 -2.91
CA ALA A 256 -16.59 -9.77 -3.30
C ALA A 256 -16.31 -8.58 -2.39
N LYS A 257 -16.26 -8.81 -1.07
CA LYS A 257 -15.98 -7.71 -0.16
C LYS A 257 -14.56 -7.20 -0.33
N MET A 258 -13.62 -8.10 -0.58
CA MET A 258 -12.25 -7.65 -0.83
C MET A 258 -12.19 -6.79 -2.09
N ILE A 259 -12.87 -7.22 -3.15
CA ILE A 259 -12.88 -6.40 -4.38
C ILE A 259 -13.47 -5.03 -4.10
N GLN A 260 -14.49 -4.97 -3.23
CA GLN A 260 -15.02 -3.67 -2.87
C GLN A 260 -14.02 -2.85 -2.04
N LYS A 261 -13.20 -3.50 -1.21
CA LYS A 261 -12.15 -2.76 -0.51
C LYS A 261 -11.25 -2.02 -1.49
N LEU A 262 -10.98 -2.65 -2.64
CA LEU A 262 -10.17 -2.00 -3.67
C LEU A 262 -10.82 -0.71 -4.12
N ALA A 263 -12.13 -0.75 -4.35
CA ALA A 263 -12.86 0.45 -4.72
C ALA A 263 -12.76 1.52 -3.65
N ASP A 264 -12.86 1.13 -2.38
CA ASP A 264 -12.64 2.09 -1.30
C ASP A 264 -11.29 2.76 -1.45
N LEU A 265 -10.24 1.96 -1.70
CA LEU A 265 -8.90 2.50 -1.84
C LEU A 265 -8.83 3.58 -2.91
N ARG A 266 -9.60 3.42 -3.99
CA ARG A 266 -9.60 4.42 -5.05
C ARG A 266 -10.13 5.75 -4.56
N SER A 267 -11.20 5.72 -3.77
CA SER A 267 -11.73 6.96 -3.22
C SER A 267 -10.79 7.55 -2.18
N LEU A 268 -10.16 6.70 -1.35
CA LEU A 268 -9.13 7.19 -0.43
C LEU A 268 -7.96 7.80 -1.20
N ASN A 269 -7.57 7.15 -2.30
CA ASN A 269 -6.46 7.62 -3.11
C ASN A 269 -6.70 9.05 -3.58
N GLU A 270 -7.91 9.30 -4.11
CA GLU A 270 -8.19 10.58 -4.75
C GLU A 270 -8.23 11.72 -3.74
N GLU A 271 -8.81 11.47 -2.56
CA GLU A 271 -8.85 12.53 -1.55
C GLU A 271 -7.46 12.79 -0.98
N HIS A 272 -6.65 11.74 -0.83
CA HIS A 272 -5.26 11.95 -0.47
C HIS A 272 -4.53 12.74 -1.55
N SER A 273 -4.70 12.34 -2.82
CA SER A 273 -4.05 13.06 -3.91
C SER A 273 -4.42 14.53 -3.90
N LYS A 274 -5.67 14.84 -3.54
CA LYS A 274 -6.06 16.24 -3.44
C LYS A 274 -5.35 16.92 -2.27
N GLN A 275 -5.40 16.30 -1.10
CA GLN A 275 -4.83 16.93 0.09
C GLN A 275 -3.31 17.03 -0.01
N TYR A 276 -2.66 16.01 -0.57
CA TYR A 276 -1.22 16.09 -0.80
C TYR A 276 -0.88 17.23 -1.74
N ARG A 277 -1.70 17.45 -2.79
CA ARG A 277 -1.43 18.55 -3.72
C ARG A 277 -1.36 19.86 -2.96
N SER A 278 -2.38 20.14 -2.15
CA SER A 278 -2.41 21.41 -1.43
C SER A 278 -1.23 21.53 -0.47
N LEU A 279 -0.69 20.43 0.03
CA LEU A 279 0.45 20.63 0.91
C LEU A 279 1.75 20.64 0.13
N SER A 280 1.86 19.87 -0.95
CA SER A 280 3.06 19.91 -1.77
C SER A 280 3.19 21.20 -2.56
N PHE A 281 2.15 22.02 -2.63
CA PHE A 281 2.21 23.30 -3.31
C PHE A 281 2.59 24.44 -2.39
N GLN A 282 2.84 24.16 -1.11
CA GLN A 282 3.32 25.17 -0.17
C GLN A 282 4.74 24.84 0.24
N PRO A 283 5.75 25.57 -0.26
CA PRO A 283 7.15 25.13 -0.10
C PRO A 283 7.60 24.98 1.34
N GLU A 284 7.03 25.73 2.28
CA GLU A 284 7.36 25.52 3.68
C GLU A 284 6.88 24.17 4.19
N HIS A 285 5.96 23.51 3.49
CA HIS A 285 5.54 22.16 3.84
C HIS A 285 6.20 21.12 2.98
N SER A 286 6.26 21.34 1.66
CA SER A 286 6.92 20.36 0.82
C SER A 286 8.42 20.26 1.10
N MET A 287 9.02 21.25 1.75
CA MET A 287 10.41 21.08 2.12
C MET A 287 10.58 20.02 3.20
N GLN A 288 9.52 19.71 3.93
CA GLN A 288 9.61 18.66 4.94
C GLN A 288 9.45 17.25 4.36
N LEU A 289 8.99 17.12 3.11
CA LEU A 289 8.85 15.80 2.50
C LEU A 289 10.23 15.26 2.13
N THR A 290 10.24 14.05 1.55
CA THR A 290 11.50 13.45 1.12
C THR A 290 11.57 13.40 -0.40
N PRO A 291 12.77 13.27 -0.96
CA PRO A 291 12.88 13.11 -2.42
C PRO A 291 12.03 11.97 -2.98
N LEU A 292 12.00 10.82 -2.31
CA LEU A 292 11.21 9.70 -2.82
C LEU A 292 9.74 10.06 -2.83
N VAL A 293 9.25 10.62 -1.74
CA VAL A 293 7.85 11.02 -1.66
C VAL A 293 7.51 12.00 -2.77
N LEU A 294 8.36 13.01 -2.96
CA LEU A 294 8.04 14.00 -4.00
C LEU A 294 8.04 13.37 -5.37
N GLU A 295 9.01 12.50 -5.65
CA GLU A 295 9.09 11.87 -6.96
C GLU A 295 7.86 11.02 -7.22
N VAL A 296 7.48 10.19 -6.24
CA VAL A 296 6.41 9.22 -6.42
C VAL A 296 5.03 9.89 -6.42
N PHE A 297 4.79 10.82 -5.50
CA PHE A 297 3.48 11.44 -5.36
C PHE A 297 3.34 12.69 -6.22
N GLY A 298 4.39 13.12 -6.90
CA GLY A 298 4.28 14.27 -7.74
C GLY A 298 3.73 13.88 -9.07
N SER A 299 3.16 14.85 -9.79
CA SER A 299 2.71 14.58 -11.15
C SER A 299 3.81 14.72 -12.19
N GLU A 300 5.03 14.28 -11.86
CA GLU A 300 6.20 14.55 -12.70
C GLU A 300 6.07 13.93 -14.09
N VAL A 301 5.45 12.75 -14.18
CA VAL A 301 5.29 12.01 -15.44
C VAL A 301 6.62 11.75 -16.15
N ARG B 1 13.71 11.35 -15.92
CA ARG B 1 12.56 11.34 -15.02
C ARG B 1 12.57 10.15 -14.07
N HIS B 2 12.14 10.38 -12.84
CA HIS B 2 11.99 9.34 -11.83
C HIS B 2 13.32 8.66 -11.54
N LYS B 3 14.33 9.48 -11.22
CA LYS B 3 15.68 8.98 -11.01
C LYS B 3 15.75 7.96 -9.90
N ILE B 4 15.04 8.19 -8.80
CA ILE B 4 15.16 7.29 -7.66
C ILE B 4 14.37 6.00 -7.90
N LEU B 5 13.15 6.14 -8.43
CA LEU B 5 12.35 4.96 -8.73
C LEU B 5 13.10 4.01 -9.65
N HIS B 6 13.62 4.53 -10.77
CA HIS B 6 14.44 3.72 -11.65
C HIS B 6 15.52 3.01 -10.87
N ARG B 7 16.28 3.76 -10.06
CA ARG B 7 17.35 3.15 -9.29
C ARG B 7 16.82 2.02 -8.41
N LEU B 8 15.75 2.27 -7.66
CA LEU B 8 15.29 1.21 -6.76
C LEU B 8 14.69 0.02 -7.48
N LEU B 9 14.30 0.16 -8.74
CA LEU B 9 13.90 -1.00 -9.53
C LEU B 9 15.06 -1.68 -10.26
N GLN B 10 16.29 -1.19 -10.09
CA GLN B 10 17.48 -1.85 -10.63
C GLN B 10 18.63 -1.79 -9.57
N GLU B 11 19.08 -2.92 -9.05
CA GLU B 11 18.60 -4.26 -9.35
C GLU B 11 17.20 -4.47 -8.82
O3 9CZ C . 3.83 0.82 5.80
C25 9CZ C . 3.08 0.83 7.03
C24 9CZ C . 3.91 0.25 8.16
C23 9CZ C . 3.02 0.24 9.39
O2 9CZ C . 1.86 -0.57 9.16
C22 9CZ C . 2.61 1.66 9.77
C26 9CZ C . 2.69 2.26 7.33
C27 9CZ C . 2.97 3.22 6.47
C21 9CZ C . 2.05 2.47 8.63
C20 9CZ C . 1.07 3.40 8.78
C19 9CZ C . 0.48 4.24 7.79
C15 9CZ C . -0.43 5.19 8.05
C2 9CZ C . -1.00 6.11 7.00
C16 9CZ C . -0.96 5.44 9.43
C17 9CZ C . -0.72 6.88 9.87
C18 9CZ C . -1.19 7.85 8.79
C1 9CZ C . -0.56 7.54 7.43
C 9CZ C . 0.98 7.56 7.54
C5 9CZ C . -1.08 8.31 6.19
C4 9CZ C . -0.48 7.53 5.02
C3 9CZ C . -0.60 6.04 5.50
C6 9CZ C . -0.96 9.84 6.09
C14 9CZ C . -1.91 10.42 5.04
C7 9CZ C . 0.49 10.29 5.84
C13 9CZ C . 0.86 11.53 6.65
C12 9CZ C . 1.48 12.49 5.63
C8 9CZ C . 1.81 11.59 4.45
O 9CZ C . 0.75 10.63 4.46
C9 9CZ C . 1.88 12.29 3.09
C11 9CZ C . 2.90 13.42 3.14
O1 9CZ C . 0.58 12.85 2.76
C10 9CZ C . 2.22 11.30 2.00
#